data_2EF0
#
_entry.id   2EF0
#
_cell.length_a   77.385
_cell.length_b   77.385
_cell.length_c   79.132
_cell.angle_alpha   90.00
_cell.angle_beta   90.00
_cell.angle_gamma   120.00
#
_symmetry.space_group_name_H-M   'P 63'
#
loop_
_entity.id
_entity.type
_entity.pdbx_description
1 polymer 'Ornithine carbamoyltransferase'
2 non-polymer 'MAGNESIUM ION'
3 non-polymer 'SODIUM ION'
4 water water
#
_entity_poly.entity_id   1
_entity_poly.type   'polypeptide(L)'
_entity_poly.pdbx_seq_one_letter_code
;MGGEALTLPKDLLDFSGYGPKELQALLDLAEQLKRERYRGEDLKGKVLALLFEKPSLRTRTTLEVAMVHLGGHAVYLDQK
QVGIGEREPVRDVAKNLERFVEGIAARVFRHETVEALARHAKVPVVNALSDRAHPLQALADLLTLKEVFGGLAGLEVAWV
GDGNNVLNSLLEVAPLAGLKVRVATPKGYEPDPGLLKRANAFFTHDPKEAALGAHALYTDVWTSMGQEAEREKRLRDFQG
FQVNGELLKLLRPEGVFLHCLPAHYGEETTEEAVHGPRSRVFDQAENRLHTAKAVLLTLLK
;
_entity_poly.pdbx_strand_id   A
#
# COMPACT_ATOMS: atom_id res chain seq x y z
N THR A 7 8.08 0.11 15.50
CA THR A 7 8.93 -0.32 14.36
C THR A 7 10.28 0.32 14.49
N LEU A 8 11.34 -0.46 14.33
CA LEU A 8 12.63 0.16 14.46
C LEU A 8 13.54 0.23 13.24
N PRO A 9 13.16 -0.40 12.11
CA PRO A 9 14.11 -0.27 11.00
C PRO A 9 14.20 1.21 10.61
N LYS A 10 15.32 1.61 10.02
CA LYS A 10 15.49 3.00 9.60
C LYS A 10 14.52 3.32 8.48
N ASP A 11 14.32 2.33 7.61
CA ASP A 11 13.47 2.50 6.44
C ASP A 11 12.17 1.71 6.47
N LEU A 12 11.32 1.97 5.48
CA LEU A 12 10.06 1.25 5.33
C LEU A 12 9.94 0.89 3.85
N LEU A 13 10.60 -0.21 3.45
CA LEU A 13 10.56 -0.67 2.07
C LEU A 13 9.51 -1.77 1.97
N ASP A 14 9.26 -2.42 3.10
CA ASP A 14 8.28 -3.49 3.25
C ASP A 14 8.15 -3.71 4.75
N PHE A 15 7.64 -4.85 5.18
CA PHE A 15 7.50 -5.09 6.61
C PHE A 15 8.47 -6.13 7.16
N SER A 16 9.61 -6.26 6.48
CA SER A 16 10.68 -7.19 6.83
C SER A 16 11.08 -7.22 8.30
N GLY A 17 11.38 -6.04 8.86
CA GLY A 17 11.81 -5.98 10.24
C GLY A 17 10.73 -5.60 11.24
N TYR A 18 9.48 -5.83 10.89
CA TYR A 18 8.37 -5.50 11.76
C TYR A 18 7.73 -6.71 12.43
N GLY A 19 7.42 -6.56 13.70
CA GLY A 19 6.76 -7.61 14.44
C GLY A 19 5.34 -7.11 14.60
N PRO A 20 4.48 -7.85 15.32
CA PRO A 20 3.08 -7.43 15.51
C PRO A 20 2.92 -6.14 16.33
N LYS A 21 3.76 -6.00 17.35
CA LYS A 21 3.70 -4.83 18.23
C LYS A 21 4.04 -3.55 17.47
N GLU A 22 5.05 -3.62 16.60
CA GLU A 22 5.46 -2.47 15.83
C GLU A 22 4.41 -2.06 14.78
N LEU A 23 3.78 -3.04 14.15
CA LEU A 23 2.75 -2.74 13.15
C LEU A 23 1.56 -2.10 13.85
N GLN A 24 1.20 -2.64 15.02
CA GLN A 24 0.09 -2.12 15.79
C GLN A 24 0.33 -0.68 16.24
N ALA A 25 1.57 -0.36 16.60
CA ALA A 25 1.92 0.99 17.05
C ALA A 25 1.68 2.00 15.95
N LEU A 26 2.06 1.63 14.74
CA LEU A 26 1.92 2.47 13.57
C LEU A 26 0.43 2.66 13.29
N LEU A 27 -0.33 1.58 13.38
CA LEU A 27 -1.76 1.61 13.14
C LEU A 27 -2.47 2.41 14.24
N ASP A 28 -2.03 2.26 15.48
CA ASP A 28 -2.62 2.99 16.59
C ASP A 28 -2.38 4.48 16.40
N LEU A 29 -1.17 4.83 15.98
CA LEU A 29 -0.83 6.22 15.75
C LEU A 29 -1.66 6.82 14.61
N ALA A 30 -1.81 6.07 13.53
CA ALA A 30 -2.61 6.55 12.39
C ALA A 30 -4.04 6.82 12.82
N GLU A 31 -4.58 5.90 13.62
CA GLU A 31 -5.95 6.04 14.12
C GLU A 31 -6.08 7.28 14.99
N GLN A 32 -5.09 7.51 15.84
CA GLN A 32 -5.11 8.66 16.72
C GLN A 32 -4.99 9.96 15.91
N LEU A 33 -4.11 9.97 14.92
CA LEU A 33 -3.93 11.15 14.09
C LEU A 33 -5.24 11.48 13.37
N LYS A 34 -5.94 10.43 12.91
CA LYS A 34 -7.20 10.64 12.21
C LYS A 34 -8.27 11.21 13.14
N ARG A 35 -8.40 10.60 14.31
CA ARG A 35 -9.40 11.04 15.28
C ARG A 35 -9.17 12.48 15.69
N GLU A 36 -7.91 12.86 15.82
CA GLU A 36 -7.55 14.22 16.20
C GLU A 36 -7.52 15.20 15.03
N ARG A 37 -7.71 14.71 13.79
CA ARG A 37 -7.64 15.57 12.61
C ARG A 37 -6.36 16.37 12.83
N TYR A 38 -5.34 15.66 13.29
CA TYR A 38 -4.06 16.25 13.63
C TYR A 38 -3.38 17.19 12.63
N ARG A 39 -2.94 18.31 13.19
CA ARG A 39 -2.20 19.35 12.49
C ARG A 39 -1.17 19.76 13.54
N GLY A 40 0.11 19.78 13.15
CA GLY A 40 1.13 20.14 14.12
C GLY A 40 2.43 20.61 13.50
N GLU A 41 3.45 20.77 14.34
CA GLU A 41 4.74 21.24 13.86
C GLU A 41 5.87 20.27 14.21
N ASP A 42 5.50 19.00 14.39
CA ASP A 42 6.48 17.96 14.73
C ASP A 42 7.63 17.91 13.73
N LEU A 43 7.32 18.13 12.46
CA LEU A 43 8.35 18.09 11.42
C LEU A 43 8.77 19.45 10.89
N LYS A 44 8.54 20.51 11.67
CA LYS A 44 8.92 21.84 11.23
C LYS A 44 10.41 21.83 10.90
N GLY A 45 10.77 22.50 9.82
CA GLY A 45 12.17 22.55 9.43
C GLY A 45 12.68 21.28 8.77
N LYS A 46 11.81 20.29 8.58
CA LYS A 46 12.24 19.05 7.96
C LYS A 46 11.63 18.89 6.56
N VAL A 47 12.40 18.30 5.65
CA VAL A 47 11.93 18.13 4.28
C VAL A 47 12.00 16.68 3.81
N LEU A 48 10.96 16.27 3.10
CA LEU A 48 10.88 14.92 2.55
C LEU A 48 11.04 15.03 1.02
N ALA A 49 12.05 14.36 0.48
CA ALA A 49 12.26 14.38 -0.96
C ALA A 49 11.36 13.33 -1.62
N LEU A 50 10.63 13.71 -2.65
CA LEU A 50 9.80 12.76 -3.36
C LEU A 50 10.59 12.39 -4.62
N LEU A 51 11.23 11.23 -4.59
CA LEU A 51 12.02 10.76 -5.71
C LEU A 51 11.20 9.76 -6.52
N PHE A 52 10.46 10.28 -7.49
CA PHE A 52 9.60 9.46 -8.33
C PHE A 52 10.22 9.20 -9.69
N GLU A 53 10.40 7.92 -10.03
CA GLU A 53 10.98 7.55 -11.33
C GLU A 53 9.88 7.62 -12.38
N LYS A 54 8.64 7.60 -11.89
CA LYS A 54 7.44 7.66 -12.73
C LYS A 54 6.46 8.54 -11.98
N PRO A 55 5.88 9.54 -12.65
CA PRO A 55 4.93 10.41 -11.95
C PRO A 55 3.75 9.63 -11.36
N SER A 56 3.25 10.13 -10.23
CA SER A 56 2.10 9.52 -9.57
C SER A 56 1.38 10.63 -8.81
N LEU A 57 0.40 11.23 -9.46
CA LEU A 57 -0.36 12.31 -8.86
C LEU A 57 -0.93 11.94 -7.50
N ARG A 58 -1.49 10.74 -7.39
CA ARG A 58 -2.08 10.30 -6.12
C ARG A 58 -1.08 10.27 -4.97
N THR A 59 0.09 9.70 -5.21
CA THR A 59 1.12 9.57 -4.17
C THR A 59 1.73 10.92 -3.83
N ARG A 60 1.93 11.74 -4.85
CA ARG A 60 2.48 13.07 -4.62
C ARG A 60 1.55 13.84 -3.70
N THR A 61 0.25 13.82 -4.01
CA THR A 61 -0.72 14.52 -3.20
C THR A 61 -0.69 14.06 -1.74
N THR A 62 -0.73 12.74 -1.54
CA THR A 62 -0.72 12.18 -0.20
C THR A 62 0.46 12.62 0.64
N LEU A 63 1.66 12.49 0.08
CA LEU A 63 2.88 12.82 0.81
C LEU A 63 3.11 14.32 1.00
N GLU A 64 2.70 15.14 0.03
CA GLU A 64 2.86 16.58 0.20
C GLU A 64 1.89 17.04 1.28
N VAL A 65 0.67 16.52 1.26
CA VAL A 65 -0.31 16.91 2.27
C VAL A 65 0.11 16.40 3.64
N ALA A 66 0.64 15.19 3.70
CA ALA A 66 1.09 14.61 4.96
C ALA A 66 2.17 15.46 5.62
N MET A 67 3.17 15.87 4.85
CA MET A 67 4.25 16.68 5.39
C MET A 67 3.76 18.04 5.86
N VAL A 68 2.88 18.66 5.07
CA VAL A 68 2.33 19.95 5.44
C VAL A 68 1.52 19.84 6.74
N HIS A 69 0.80 18.76 6.94
CA HIS A 69 0.04 18.62 8.15
C HIS A 69 0.95 18.52 9.35
N LEU A 70 2.15 17.97 9.13
CA LEU A 70 3.08 17.83 10.25
C LEU A 70 4.03 19.01 10.38
N GLY A 71 3.75 20.08 9.63
CA GLY A 71 4.56 21.28 9.72
C GLY A 71 5.84 21.28 8.88
N GLY A 72 6.04 20.25 8.07
CA GLY A 72 7.22 20.19 7.23
C GLY A 72 6.88 20.39 5.77
N HIS A 73 7.74 19.89 4.88
CA HIS A 73 7.51 20.01 3.44
C HIS A 73 8.06 18.86 2.66
N ALA A 74 7.50 18.68 1.47
CA ALA A 74 7.96 17.65 0.56
C ALA A 74 8.38 18.37 -0.71
N VAL A 75 9.57 18.04 -1.22
CA VAL A 75 10.06 18.64 -2.45
C VAL A 75 9.96 17.57 -3.54
N TYR A 76 9.42 17.94 -4.70
CA TYR A 76 9.24 16.99 -5.78
C TYR A 76 10.42 16.91 -6.74
N LEU A 77 10.97 15.70 -6.89
CA LEU A 77 12.11 15.47 -7.79
C LEU A 77 11.70 14.54 -8.93
N ASP A 78 11.35 15.14 -10.06
CA ASP A 78 10.92 14.38 -11.24
C ASP A 78 12.13 13.75 -11.92
N GLN A 79 12.52 12.58 -11.43
CA GLN A 79 13.67 11.85 -11.96
C GLN A 79 13.51 11.41 -13.40
N LYS A 80 12.27 11.34 -13.86
CA LYS A 80 11.99 10.93 -15.23
C LYS A 80 12.70 11.89 -16.18
N GLN A 81 12.98 13.08 -15.69
CA GLN A 81 13.64 14.11 -16.46
C GLN A 81 15.11 13.81 -16.75
N VAL A 82 15.66 12.81 -16.06
CA VAL A 82 17.06 12.45 -16.28
C VAL A 82 17.09 11.12 -17.02
N GLY A 83 17.62 11.12 -18.24
CA GLY A 83 17.68 9.90 -19.02
C GLY A 83 18.79 8.95 -18.60
N ILE A 84 18.73 7.73 -19.11
CA ILE A 84 19.73 6.74 -18.78
C ILE A 84 21.12 7.20 -19.23
N GLY A 85 21.16 8.06 -20.24
CA GLY A 85 22.45 8.55 -20.72
C GLY A 85 23.07 9.57 -19.79
N GLU A 86 22.30 10.04 -18.81
CA GLU A 86 22.75 11.03 -17.83
C GLU A 86 22.57 10.55 -16.40
N ARG A 87 22.12 9.32 -16.23
CA ARG A 87 21.86 8.76 -14.91
C ARG A 87 23.07 8.64 -13.99
N GLU A 88 22.89 9.03 -12.74
CA GLU A 88 23.96 8.94 -11.74
C GLU A 88 23.85 7.61 -10.99
N PRO A 89 24.98 7.10 -10.48
CA PRO A 89 24.88 5.83 -9.74
C PRO A 89 23.96 6.11 -8.55
N VAL A 90 23.22 5.09 -8.08
CA VAL A 90 22.33 5.29 -6.95
C VAL A 90 23.04 5.84 -5.71
N ARG A 91 24.27 5.40 -5.46
CA ARG A 91 25.02 5.88 -4.30
C ARG A 91 25.22 7.41 -4.34
N ASP A 92 25.48 7.95 -5.52
CA ASP A 92 25.67 9.38 -5.70
C ASP A 92 24.37 10.14 -5.42
N VAL A 93 23.26 9.55 -5.85
CA VAL A 93 21.97 10.18 -5.63
C VAL A 93 21.70 10.19 -4.13
N ALA A 94 21.99 9.08 -3.46
CA ALA A 94 21.77 8.99 -2.02
C ALA A 94 22.70 9.92 -1.24
N LYS A 95 24.00 9.87 -1.54
CA LYS A 95 24.96 10.71 -0.82
C LYS A 95 24.70 12.20 -1.01
N ASN A 96 24.10 12.58 -2.13
CA ASN A 96 23.82 13.99 -2.34
C ASN A 96 22.54 14.41 -1.57
N LEU A 97 21.45 13.67 -1.75
CA LEU A 97 20.18 13.98 -1.09
C LEU A 97 20.25 13.98 0.43
N GLU A 98 20.97 13.03 1.01
CA GLU A 98 21.08 12.95 2.47
C GLU A 98 21.61 14.24 3.09
N ARG A 99 22.24 15.10 2.29
CA ARG A 99 22.78 16.37 2.81
C ARG A 99 21.75 17.49 2.76
N PHE A 100 20.64 17.26 2.07
CA PHE A 100 19.61 18.29 1.91
C PHE A 100 18.27 18.01 2.58
N VAL A 101 17.91 16.74 2.69
CA VAL A 101 16.61 16.37 3.24
C VAL A 101 16.68 15.40 4.42
N GLU A 102 15.62 15.34 5.20
CA GLU A 102 15.56 14.45 6.37
C GLU A 102 15.04 13.06 6.02
N GLY A 103 14.41 12.93 4.86
CA GLY A 103 13.89 11.64 4.43
C GLY A 103 13.64 11.59 2.93
N ILE A 104 13.61 10.39 2.37
CA ILE A 104 13.37 10.20 0.93
C ILE A 104 12.20 9.25 0.70
N ALA A 105 11.20 9.69 -0.05
CA ALA A 105 10.06 8.82 -0.38
C ALA A 105 10.22 8.53 -1.87
N ALA A 106 10.50 7.28 -2.21
CA ALA A 106 10.70 6.91 -3.61
C ALA A 106 9.68 5.97 -4.23
N ARG A 107 9.39 6.23 -5.50
CA ARG A 107 8.49 5.43 -6.29
C ARG A 107 9.41 4.96 -7.40
N VAL A 108 9.64 3.65 -7.46
CA VAL A 108 10.56 3.09 -8.44
C VAL A 108 9.95 2.01 -9.32
N PHE A 109 10.61 1.74 -10.44
CA PHE A 109 10.19 0.68 -11.34
C PHE A 109 10.60 -0.64 -10.71
N ARG A 110 11.83 -0.70 -10.20
CA ARG A 110 12.35 -1.92 -9.58
C ARG A 110 12.70 -1.76 -8.11
N HIS A 111 12.16 -2.64 -7.29
CA HIS A 111 12.39 -2.63 -5.85
C HIS A 111 13.89 -2.56 -5.53
N GLU A 112 14.70 -3.23 -6.34
CA GLU A 112 16.14 -3.21 -6.13
C GLU A 112 16.67 -1.79 -5.96
N THR A 113 16.09 -0.86 -6.72
CA THR A 113 16.49 0.53 -6.68
C THR A 113 16.23 1.18 -5.31
N VAL A 114 15.03 1.03 -4.77
CA VAL A 114 14.75 1.64 -3.46
C VAL A 114 15.58 0.96 -2.37
N GLU A 115 15.83 -0.34 -2.52
CA GLU A 115 16.65 -1.04 -1.54
C GLU A 115 18.07 -0.45 -1.56
N ALA A 116 18.57 -0.16 -2.76
CA ALA A 116 19.90 0.40 -2.91
C ALA A 116 19.95 1.82 -2.35
N LEU A 117 18.87 2.56 -2.55
CA LEU A 117 18.78 3.94 -2.05
C LEU A 117 18.84 3.93 -0.52
N ALA A 118 18.13 2.99 0.10
CA ALA A 118 18.09 2.90 1.56
C ALA A 118 19.44 2.46 2.11
N ARG A 119 20.11 1.57 1.37
CA ARG A 119 21.42 1.05 1.78
C ARG A 119 22.47 2.17 1.79
N HIS A 120 22.41 3.06 0.78
CA HIS A 120 23.38 4.15 0.68
C HIS A 120 23.06 5.48 1.34
N ALA A 121 21.83 5.67 1.79
CA ALA A 121 21.45 6.92 2.44
C ALA A 121 21.41 6.78 3.95
N LYS A 122 21.88 7.82 4.65
CA LYS A 122 21.87 7.78 6.12
C LYS A 122 20.52 8.20 6.69
N VAL A 123 19.69 8.81 5.84
CA VAL A 123 18.36 9.24 6.27
C VAL A 123 17.34 8.16 5.93
N PRO A 124 16.16 8.20 6.56
CA PRO A 124 15.10 7.22 6.32
C PRO A 124 14.62 7.22 4.87
N VAL A 125 14.40 6.02 4.33
CA VAL A 125 13.88 5.87 2.98
C VAL A 125 12.57 5.10 3.04
N VAL A 126 11.55 5.67 2.43
CA VAL A 126 10.23 5.05 2.39
C VAL A 126 9.92 4.63 0.95
N ASN A 127 9.50 3.39 0.79
CA ASN A 127 9.14 2.91 -0.55
C ASN A 127 7.69 3.31 -0.78
N ALA A 128 7.50 4.38 -1.54
CA ALA A 128 6.17 4.88 -1.85
C ALA A 128 5.44 3.88 -2.75
N LEU A 129 6.22 3.09 -3.47
CA LEU A 129 5.68 2.05 -4.36
C LEU A 129 6.78 1.45 -5.24
N SER A 130 6.79 0.13 -5.32
CA SER A 130 7.75 -0.57 -6.15
C SER A 130 7.00 -1.75 -6.78
N ASP A 131 7.68 -2.44 -7.69
CA ASP A 131 7.09 -3.58 -8.35
C ASP A 131 6.86 -4.75 -7.39
N ARG A 132 7.62 -4.76 -6.29
CA ARG A 132 7.54 -5.84 -5.31
C ARG A 132 6.68 -5.59 -4.09
N ALA A 133 6.55 -4.33 -3.68
CA ALA A 133 5.79 -4.03 -2.48
C ALA A 133 5.16 -2.65 -2.44
N HIS A 134 4.18 -2.51 -1.57
CA HIS A 134 3.50 -1.24 -1.39
C HIS A 134 3.04 -1.18 0.06
N PRO A 135 4.00 -1.04 1.00
CA PRO A 135 3.72 -0.98 2.44
C PRO A 135 2.73 0.10 2.85
N LEU A 136 2.83 1.27 2.23
CA LEU A 136 1.92 2.36 2.56
C LEU A 136 0.46 2.02 2.24
N GLN A 137 0.22 1.32 1.15
CA GLN A 137 -1.14 0.94 0.80
C GLN A 137 -1.70 -0.04 1.83
N ALA A 138 -0.88 -1.04 2.16
CA ALA A 138 -1.26 -2.06 3.14
C ALA A 138 -1.66 -1.45 4.50
N LEU A 139 -0.94 -0.42 4.93
CA LEU A 139 -1.25 0.21 6.20
C LEU A 139 -2.61 0.87 6.13
N ALA A 140 -2.89 1.51 4.99
CA ALA A 140 -4.16 2.19 4.80
C ALA A 140 -5.29 1.14 4.78
N ASP A 141 -5.01 -0.01 4.17
CA ASP A 141 -5.99 -1.08 4.10
C ASP A 141 -6.32 -1.66 5.47
N LEU A 142 -5.32 -1.79 6.32
CA LEU A 142 -5.51 -2.33 7.67
C LEU A 142 -6.27 -1.36 8.57
N LEU A 143 -5.97 -0.07 8.45
CA LEU A 143 -6.66 0.93 9.26
C LEU A 143 -8.14 0.89 8.89
N THR A 144 -8.41 0.78 7.58
CA THR A 144 -9.76 0.72 7.06
C THR A 144 -10.50 -0.49 7.62
N LEU A 145 -9.87 -1.66 7.54
CA LEU A 145 -10.50 -2.87 8.08
C LEU A 145 -10.72 -2.74 9.58
N LYS A 146 -9.75 -2.17 10.28
CA LYS A 146 -9.85 -1.99 11.72
C LYS A 146 -11.03 -1.09 12.06
N GLU A 147 -11.19 0.01 11.33
CA GLU A 147 -12.28 0.95 11.55
C GLU A 147 -13.63 0.31 11.33
N VAL A 148 -13.73 -0.45 10.25
CA VAL A 148 -14.97 -1.12 9.89
C VAL A 148 -15.41 -2.21 10.85
N PHE A 149 -14.48 -3.11 11.18
CA PHE A 149 -14.79 -4.24 12.04
C PHE A 149 -14.39 -4.19 13.52
N GLY A 150 -13.66 -3.16 13.91
CA GLY A 150 -13.26 -3.02 15.30
C GLY A 150 -12.04 -3.81 15.73
N GLY A 151 -11.53 -4.66 14.85
CA GLY A 151 -10.37 -5.48 15.17
C GLY A 151 -9.90 -6.15 13.89
N LEU A 152 -8.64 -6.56 13.85
CA LEU A 152 -8.10 -7.20 12.65
C LEU A 152 -7.99 -8.72 12.79
N ALA A 153 -7.66 -9.19 13.98
CA ALA A 153 -7.49 -10.61 14.24
C ALA A 153 -8.72 -11.42 13.84
N GLY A 154 -8.54 -12.38 12.95
CA GLY A 154 -9.64 -13.22 12.52
C GLY A 154 -10.40 -12.73 11.29
N LEU A 155 -10.10 -11.54 10.83
CA LEU A 155 -10.79 -11.01 9.64
C LEU A 155 -10.44 -11.82 8.42
N GLU A 156 -11.45 -12.15 7.63
CA GLU A 156 -11.22 -12.91 6.41
C GLU A 156 -11.29 -11.95 5.22
N VAL A 157 -10.13 -11.76 4.61
CA VAL A 157 -10.00 -10.85 3.48
C VAL A 157 -9.71 -11.61 2.20
N ALA A 158 -10.55 -11.41 1.21
CA ALA A 158 -10.38 -12.10 -0.06
C ALA A 158 -9.84 -11.16 -1.13
N TRP A 159 -8.69 -11.54 -1.70
CA TRP A 159 -8.09 -10.78 -2.78
C TRP A 159 -8.43 -11.51 -4.07
N VAL A 160 -9.02 -10.80 -5.01
CA VAL A 160 -9.36 -11.38 -6.28
C VAL A 160 -8.69 -10.51 -7.34
N GLY A 161 -7.73 -11.10 -8.05
CA GLY A 161 -7.06 -10.34 -9.08
C GLY A 161 -5.63 -10.79 -9.34
N ASP A 162 -4.79 -9.82 -9.66
CA ASP A 162 -3.39 -10.05 -9.98
C ASP A 162 -2.54 -10.20 -8.72
N GLY A 163 -1.54 -11.06 -8.77
CA GLY A 163 -0.66 -11.24 -7.63
C GLY A 163 0.42 -10.18 -7.73
N ASN A 164 0.06 -8.95 -7.35
CA ASN A 164 0.99 -7.82 -7.44
C ASN A 164 1.58 -7.30 -6.12
N ASN A 165 2.20 -6.13 -6.22
CA ASN A 165 2.84 -5.48 -5.07
C ASN A 165 1.89 -5.26 -3.90
N VAL A 166 0.65 -4.88 -4.20
CA VAL A 166 -0.34 -4.64 -3.15
C VAL A 166 -0.66 -5.94 -2.41
N LEU A 167 -0.89 -7.02 -3.17
CA LEU A 167 -1.17 -8.30 -2.56
C LEU A 167 0.03 -8.79 -1.75
N ASN A 168 1.24 -8.54 -2.26
CA ASN A 168 2.45 -8.95 -1.54
C ASN A 168 2.50 -8.35 -0.14
N SER A 169 2.24 -7.05 -0.03
CA SER A 169 2.29 -6.39 1.26
C SER A 169 1.13 -6.81 2.16
N LEU A 170 -0.02 -7.09 1.56
CA LEU A 170 -1.17 -7.53 2.34
C LEU A 170 -0.81 -8.89 2.94
N LEU A 171 -0.21 -9.75 2.12
CA LEU A 171 0.19 -11.08 2.60
C LEU A 171 1.26 -10.99 3.69
N GLU A 172 2.15 -10.00 3.56
CA GLU A 172 3.23 -9.85 4.54
C GLU A 172 2.70 -9.38 5.89
N VAL A 173 1.74 -8.46 5.89
CA VAL A 173 1.17 -7.97 7.14
C VAL A 173 0.15 -8.94 7.71
N ALA A 174 -0.40 -9.79 6.85
CA ALA A 174 -1.40 -10.77 7.26
C ALA A 174 -1.08 -11.49 8.57
N PRO A 175 0.06 -12.20 8.64
CA PRO A 175 0.38 -12.90 9.89
C PRO A 175 0.68 -11.98 11.07
N LEU A 176 1.10 -10.76 10.79
CA LEU A 176 1.41 -9.81 11.86
C LEU A 176 0.14 -9.26 12.50
N ALA A 177 -0.96 -9.28 11.76
CA ALA A 177 -2.23 -8.76 12.28
C ALA A 177 -3.31 -9.81 12.53
N GLY A 178 -3.04 -11.06 12.17
CA GLY A 178 -4.02 -12.12 12.40
C GLY A 178 -5.09 -12.21 11.32
N LEU A 179 -4.78 -11.71 10.14
CA LEU A 179 -5.72 -11.75 9.02
C LEU A 179 -5.77 -13.15 8.41
N LYS A 180 -6.95 -13.51 7.91
CA LYS A 180 -7.14 -14.79 7.25
C LYS A 180 -7.37 -14.44 5.78
N VAL A 181 -6.28 -14.46 5.02
CA VAL A 181 -6.33 -14.10 3.60
C VAL A 181 -6.66 -15.25 2.66
N ARG A 182 -7.48 -14.94 1.66
CA ARG A 182 -7.88 -15.90 0.65
C ARG A 182 -7.55 -15.24 -0.68
N VAL A 183 -6.71 -15.89 -1.47
CA VAL A 183 -6.26 -15.34 -2.75
C VAL A 183 -6.75 -16.08 -3.98
N ALA A 184 -7.21 -15.32 -4.96
CA ALA A 184 -7.66 -15.86 -6.23
C ALA A 184 -7.02 -15.07 -7.36
N THR A 185 -6.19 -15.73 -8.15
CA THR A 185 -5.55 -15.09 -9.30
C THR A 185 -5.59 -16.10 -10.43
N PRO A 186 -5.45 -15.62 -11.68
CA PRO A 186 -5.47 -16.53 -12.82
C PRO A 186 -4.19 -17.34 -12.78
N LYS A 187 -4.14 -18.45 -13.52
CA LYS A 187 -2.95 -19.27 -13.53
C LYS A 187 -1.77 -18.48 -14.08
N GLY A 188 -0.63 -18.56 -13.41
CA GLY A 188 0.54 -17.85 -13.86
C GLY A 188 0.70 -16.43 -13.32
N TYR A 189 -0.32 -15.95 -12.63
CA TYR A 189 -0.30 -14.60 -12.05
C TYR A 189 -0.27 -14.66 -10.53
N GLU A 190 0.08 -15.83 -9.98
CA GLU A 190 0.09 -16.00 -8.54
C GLU A 190 1.26 -15.34 -7.81
N PRO A 191 1.08 -15.09 -6.51
CA PRO A 191 2.13 -14.47 -5.71
C PRO A 191 3.09 -15.56 -5.22
N ASP A 192 4.32 -15.18 -4.90
CA ASP A 192 5.33 -16.11 -4.41
C ASP A 192 4.75 -17.08 -3.39
N PRO A 193 5.09 -18.38 -3.50
CA PRO A 193 4.58 -19.40 -2.57
C PRO A 193 4.91 -19.07 -1.12
N GLY A 194 6.12 -18.56 -0.90
CA GLY A 194 6.57 -18.21 0.43
C GLY A 194 5.72 -17.18 1.16
N LEU A 195 5.31 -16.12 0.48
CA LEU A 195 4.46 -15.12 1.12
C LEU A 195 3.15 -15.77 1.54
N LEU A 196 2.61 -16.60 0.64
CA LEU A 196 1.36 -17.30 0.89
C LEU A 196 1.43 -18.24 2.09
N LYS A 197 2.43 -19.11 2.10
CA LYS A 197 2.57 -20.05 3.19
C LYS A 197 2.82 -19.36 4.53
N ARG A 198 3.62 -18.30 4.52
CA ARG A 198 3.89 -17.58 5.75
C ARG A 198 2.65 -16.87 6.29
N ALA A 199 1.66 -16.65 5.42
CA ALA A 199 0.42 -16.01 5.83
C ALA A 199 -0.60 -17.12 6.04
N ASN A 200 -0.21 -18.35 5.70
CA ASN A 200 -1.10 -19.50 5.81
C ASN A 200 -2.38 -19.13 5.07
N ALA A 201 -2.20 -18.53 3.90
CA ALA A 201 -3.31 -18.07 3.08
C ALA A 201 -3.95 -19.17 2.24
N PHE A 202 -5.24 -19.00 1.99
CA PHE A 202 -5.98 -19.94 1.15
C PHE A 202 -5.77 -19.44 -0.27
N PHE A 203 -5.46 -20.34 -1.19
CA PHE A 203 -5.27 -19.97 -2.57
C PHE A 203 -6.14 -20.83 -3.47
N THR A 204 -6.70 -20.21 -4.50
CA THR A 204 -7.55 -20.90 -5.46
C THR A 204 -7.59 -20.07 -6.73
N HIS A 205 -8.00 -20.70 -7.82
CA HIS A 205 -8.09 -20.02 -9.11
C HIS A 205 -9.55 -19.59 -9.34
N ASP A 206 -10.42 -19.90 -8.38
CA ASP A 206 -11.84 -19.55 -8.49
C ASP A 206 -12.22 -18.40 -7.56
N PRO A 207 -12.54 -17.23 -8.14
CA PRO A 207 -12.92 -16.04 -7.37
C PRO A 207 -14.09 -16.28 -6.41
N LYS A 208 -15.05 -17.10 -6.82
CA LYS A 208 -16.20 -17.39 -5.97
C LYS A 208 -15.76 -18.06 -4.67
N GLU A 209 -14.84 -19.02 -4.79
CA GLU A 209 -14.32 -19.75 -3.63
C GLU A 209 -13.61 -18.86 -2.64
N ALA A 210 -12.80 -17.93 -3.17
CA ALA A 210 -12.04 -17.02 -2.32
C ALA A 210 -12.93 -16.04 -1.60
N ALA A 211 -13.94 -15.53 -2.30
CA ALA A 211 -14.85 -14.53 -1.75
C ALA A 211 -15.94 -15.01 -0.79
N LEU A 212 -16.41 -16.24 -0.98
CA LEU A 212 -17.50 -16.79 -0.18
C LEU A 212 -17.41 -16.60 1.34
N GLY A 213 -18.34 -15.83 1.88
CA GLY A 213 -18.39 -15.59 3.32
C GLY A 213 -17.33 -14.66 3.89
N ALA A 214 -16.52 -14.05 3.03
CA ALA A 214 -15.47 -13.16 3.50
C ALA A 214 -15.99 -11.86 4.13
N HIS A 215 -15.13 -11.22 4.93
CA HIS A 215 -15.46 -9.95 5.56
C HIS A 215 -15.20 -8.86 4.54
N ALA A 216 -14.34 -9.14 3.57
CA ALA A 216 -14.03 -8.16 2.56
C ALA A 216 -13.49 -8.74 1.27
N LEU A 217 -13.78 -8.05 0.18
CA LEU A 217 -13.32 -8.44 -1.13
C LEU A 217 -12.45 -7.26 -1.55
N TYR A 218 -11.24 -7.57 -2.01
CA TYR A 218 -10.27 -6.55 -2.39
C TYR A 218 -9.73 -6.84 -3.77
N THR A 219 -9.75 -5.83 -4.63
CA THR A 219 -9.18 -5.98 -5.96
C THR A 219 -8.41 -4.72 -6.32
N ASP A 220 -7.85 -4.70 -7.51
CA ASP A 220 -7.06 -3.58 -7.97
C ASP A 220 -6.78 -3.85 -9.44
N VAL A 221 -6.20 -2.88 -10.14
CA VAL A 221 -5.94 -3.06 -11.57
C VAL A 221 -5.15 -4.30 -11.90
N TRP A 222 -5.36 -4.80 -13.12
CA TRP A 222 -4.67 -5.99 -13.56
C TRP A 222 -3.43 -5.67 -14.31
N THR A 223 -2.46 -6.55 -14.27
CA THR A 223 -1.26 -6.32 -15.04
C THR A 223 -0.51 -7.62 -15.25
N GLU A 232 -5.03 -7.73 -24.58
CA GLU A 232 -6.11 -8.66 -24.87
C GLU A 232 -5.81 -10.02 -24.24
N LYS A 233 -4.52 -10.38 -24.21
CA LYS A 233 -4.12 -11.64 -23.61
C LYS A 233 -4.38 -11.57 -22.12
N ARG A 234 -3.93 -10.48 -21.50
CA ARG A 234 -4.11 -10.27 -20.07
C ARG A 234 -5.58 -10.28 -19.68
N LEU A 235 -6.35 -9.42 -20.35
CA LEU A 235 -7.78 -9.29 -20.09
C LEU A 235 -8.50 -10.62 -20.28
N ARG A 236 -8.04 -11.42 -21.23
CA ARG A 236 -8.66 -12.71 -21.48
C ARG A 236 -8.37 -13.67 -20.32
N ASP A 237 -7.16 -13.60 -19.77
CA ASP A 237 -6.78 -14.48 -18.65
C ASP A 237 -7.58 -14.16 -17.39
N PHE A 238 -7.98 -12.90 -17.24
CA PHE A 238 -8.73 -12.48 -16.06
C PHE A 238 -10.24 -12.61 -16.19
N GLN A 239 -10.71 -13.26 -17.26
CA GLN A 239 -12.15 -13.44 -17.45
C GLN A 239 -12.77 -14.06 -16.21
N GLY A 240 -13.75 -13.37 -15.64
CA GLY A 240 -14.43 -13.87 -14.47
C GLY A 240 -13.89 -13.38 -13.13
N PHE A 241 -12.86 -12.53 -13.16
CA PHE A 241 -12.28 -12.00 -11.92
C PHE A 241 -12.81 -10.63 -11.55
N GLN A 242 -13.67 -10.07 -12.39
CA GLN A 242 -14.25 -8.77 -12.11
C GLN A 242 -15.06 -8.78 -10.82
N VAL A 243 -14.79 -7.83 -9.94
CA VAL A 243 -15.52 -7.72 -8.68
C VAL A 243 -16.71 -6.77 -8.92
N ASN A 244 -17.84 -7.35 -9.29
CA ASN A 244 -19.05 -6.59 -9.55
C ASN A 244 -20.09 -6.82 -8.48
N GLY A 245 -21.24 -6.17 -8.61
CA GLY A 245 -22.31 -6.32 -7.64
C GLY A 245 -22.64 -7.78 -7.34
N GLU A 246 -22.59 -8.62 -8.36
CA GLU A 246 -22.88 -10.04 -8.18
C GLU A 246 -21.86 -10.76 -7.31
N LEU A 247 -20.57 -10.52 -7.56
CA LEU A 247 -19.55 -11.20 -6.76
C LEU A 247 -19.58 -10.71 -5.31
N LEU A 248 -19.90 -9.43 -5.12
CA LEU A 248 -19.96 -8.86 -3.77
C LEU A 248 -21.04 -9.55 -2.95
N LYS A 249 -22.02 -10.14 -3.62
CA LYS A 249 -23.11 -10.84 -2.94
C LYS A 249 -22.64 -12.14 -2.26
N LEU A 250 -21.40 -12.56 -2.56
CA LEU A 250 -20.88 -13.80 -1.96
C LEU A 250 -20.29 -13.58 -0.57
N LEU A 251 -20.03 -12.31 -0.23
CA LEU A 251 -19.47 -11.95 1.05
C LEU A 251 -20.51 -12.15 2.15
N ARG A 252 -20.07 -12.08 3.41
CA ARG A 252 -21.02 -12.21 4.49
C ARG A 252 -21.77 -10.88 4.48
N PRO A 253 -22.94 -10.80 5.12
CA PRO A 253 -23.75 -9.59 5.16
C PRO A 253 -23.02 -8.28 5.47
N GLU A 254 -22.13 -8.30 6.45
CA GLU A 254 -21.40 -7.09 6.83
C GLU A 254 -20.10 -6.87 6.03
N GLY A 255 -19.88 -7.69 5.00
CA GLY A 255 -18.67 -7.57 4.20
C GLY A 255 -18.55 -6.27 3.41
N VAL A 256 -17.32 -5.83 3.16
CA VAL A 256 -17.10 -4.59 2.42
C VAL A 256 -16.19 -4.77 1.19
N PHE A 257 -16.15 -3.75 0.35
CA PHE A 257 -15.36 -3.78 -0.87
C PHE A 257 -14.21 -2.76 -0.81
N LEU A 258 -13.01 -3.22 -1.16
CA LEU A 258 -11.82 -2.37 -1.17
C LEU A 258 -11.20 -2.43 -2.57
N HIS A 259 -10.59 -1.32 -2.96
CA HIS A 259 -9.94 -1.21 -4.26
C HIS A 259 -8.97 -0.02 -4.19
N CYS A 260 -7.71 -0.31 -4.55
CA CYS A 260 -6.64 0.69 -4.53
C CYS A 260 -6.96 1.97 -5.25
N LEU A 261 -7.47 1.82 -6.48
CA LEU A 261 -7.79 2.93 -7.37
C LEU A 261 -6.49 3.31 -8.11
N PRO A 262 -6.61 3.89 -9.30
CA PRO A 262 -7.91 4.16 -9.90
C PRO A 262 -8.45 2.87 -10.50
N ALA A 263 -9.75 2.83 -10.75
CA ALA A 263 -10.41 1.66 -11.29
C ALA A 263 -10.48 1.64 -12.80
N HIS A 264 -10.33 0.44 -13.38
CA HIS A 264 -10.47 0.27 -14.81
C HIS A 264 -11.86 -0.34 -14.95
N TYR A 265 -12.86 0.53 -14.91
CA TYR A 265 -14.26 0.10 -14.99
C TYR A 265 -14.52 -0.73 -16.23
N GLY A 266 -15.15 -1.89 -16.02
CA GLY A 266 -15.42 -2.79 -17.12
C GLY A 266 -14.42 -3.92 -17.02
N GLU A 267 -13.34 -3.67 -16.26
CA GLU A 267 -12.31 -4.68 -16.08
C GLU A 267 -12.40 -5.34 -14.70
N GLU A 268 -11.53 -4.96 -13.76
CA GLU A 268 -11.56 -5.59 -12.44
C GLU A 268 -12.72 -5.23 -11.53
N THR A 269 -13.47 -4.19 -11.90
CA THR A 269 -14.62 -3.79 -11.10
C THR A 269 -15.59 -2.93 -11.91
N THR A 270 -16.59 -2.35 -11.23
CA THR A 270 -17.59 -1.51 -11.88
C THR A 270 -17.88 -0.30 -10.99
N GLU A 271 -18.51 0.73 -11.56
CA GLU A 271 -18.83 1.92 -10.79
C GLU A 271 -19.81 1.59 -9.67
N GLU A 272 -20.73 0.67 -9.94
CA GLU A 272 -21.72 0.25 -8.97
C GLU A 272 -21.02 -0.25 -7.70
N ALA A 273 -20.04 -1.11 -7.91
CA ALA A 273 -19.28 -1.68 -6.81
C ALA A 273 -18.50 -0.63 -6.03
N VAL A 274 -17.73 0.19 -6.73
CA VAL A 274 -16.91 1.23 -6.10
C VAL A 274 -17.70 2.28 -5.34
N HIS A 275 -18.87 2.65 -5.84
CA HIS A 275 -19.69 3.64 -5.17
C HIS A 275 -20.91 3.07 -4.46
N GLY A 276 -21.00 1.74 -4.42
CA GLY A 276 -22.13 1.06 -3.78
C GLY A 276 -22.07 1.02 -2.26
N PRO A 277 -23.12 0.51 -1.61
CA PRO A 277 -23.19 0.42 -0.15
C PRO A 277 -22.12 -0.43 0.56
N ARG A 278 -21.51 -1.37 -0.16
CA ARG A 278 -20.47 -2.22 0.43
C ARG A 278 -19.09 -1.57 0.34
N SER A 279 -18.97 -0.57 -0.52
CA SER A 279 -17.70 0.10 -0.73
C SER A 279 -17.15 0.91 0.44
N ARG A 280 -15.83 0.81 0.62
CA ARG A 280 -15.13 1.57 1.65
C ARG A 280 -13.90 2.12 0.94
N VAL A 281 -13.97 2.12 -0.39
CA VAL A 281 -12.89 2.57 -1.25
C VAL A 281 -12.37 3.98 -0.93
N PHE A 282 -13.27 4.92 -0.69
CA PHE A 282 -12.81 6.27 -0.41
C PHE A 282 -12.30 6.50 0.99
N ASP A 283 -12.76 5.69 1.95
CA ASP A 283 -12.26 5.80 3.31
C ASP A 283 -10.83 5.23 3.21
N GLN A 284 -10.72 4.16 2.43
CA GLN A 284 -9.45 3.47 2.19
C GLN A 284 -8.45 4.46 1.59
N ALA A 285 -8.93 5.28 0.67
CA ALA A 285 -8.11 6.28 0.03
C ALA A 285 -7.66 7.31 1.08
N GLU A 286 -8.63 7.84 1.82
CA GLU A 286 -8.32 8.82 2.86
C GLU A 286 -7.32 8.25 3.86
N ASN A 287 -7.47 6.96 4.18
CA ASN A 287 -6.55 6.36 5.15
C ASN A 287 -5.10 6.30 4.72
N ARG A 288 -4.83 6.57 3.45
CA ARG A 288 -3.46 6.59 2.98
C ARG A 288 -2.81 7.85 3.56
N LEU A 289 -3.60 8.89 3.76
CA LEU A 289 -3.08 10.13 4.33
C LEU A 289 -2.71 9.93 5.79
N HIS A 290 -3.65 9.40 6.56
CA HIS A 290 -3.43 9.17 7.98
C HIS A 290 -2.27 8.22 8.28
N THR A 291 -2.14 7.17 7.48
CA THR A 291 -1.05 6.22 7.69
C THR A 291 0.29 6.82 7.23
N ALA A 292 0.27 7.64 6.19
CA ALA A 292 1.50 8.26 5.71
C ALA A 292 1.98 9.22 6.80
N LYS A 293 1.06 9.94 7.42
CA LYS A 293 1.43 10.86 8.49
C LYS A 293 2.05 10.07 9.66
N ALA A 294 1.47 8.91 9.95
CA ALA A 294 1.98 8.06 11.03
C ALA A 294 3.40 7.61 10.73
N VAL A 295 3.61 7.12 9.52
CA VAL A 295 4.93 6.66 9.08
C VAL A 295 5.97 7.76 9.09
N LEU A 296 5.64 8.89 8.48
CA LEU A 296 6.56 10.02 8.39
C LEU A 296 6.93 10.59 9.76
N LEU A 297 5.94 10.69 10.65
CA LEU A 297 6.22 11.20 11.98
C LEU A 297 7.16 10.23 12.68
N THR A 298 6.86 8.94 12.57
CA THR A 298 7.68 7.90 13.20
C THR A 298 9.12 7.82 12.70
N LEU A 299 9.32 7.89 11.39
CA LEU A 299 10.68 7.80 10.87
C LEU A 299 11.47 9.11 10.84
N LEU A 300 10.79 10.24 10.72
CA LEU A 300 11.46 11.53 10.64
C LEU A 300 11.58 12.42 11.87
N LYS A 301 10.75 12.19 12.88
CA LYS A 301 10.83 13.04 14.07
C LYS A 301 12.20 12.95 14.75
#